data_5BUA
#
_entry.id   5BUA
#
_cell.length_a   137.252
_cell.length_b   48.892
_cell.length_c   34.014
_cell.angle_alpha   90.00
_cell.angle_beta   92.60
_cell.angle_gamma   90.00
#
_symmetry.space_group_name_H-M   'C 1 2 1'
#
loop_
_entity.id
_entity.type
_entity.pdbx_description
1 polymer 'Cellular tumor antigen p53'
2 polymer "DNA (5'-D(P*GP*GP*AP*CP*AP*TP*GP*TP*CP*C)-3')"
3 non-polymer 'ZINC ION'
4 water water
#
loop_
_entity_poly.entity_id
_entity_poly.type
_entity_poly.pdbx_seq_one_letter_code
_entity_poly.pdbx_strand_id
1 'polypeptide(L)'
;SSSVPSQKTYQGSYGFRLGFLHSGTA(ALY)SVTCTYSPALNKMFCQLAKTCPVQLWVDSTPPPGTRVRAMAIYKQSQHM
TEVVRRCPHHERCSDSDGLAPPQHLIRVEGNLRVEYLDDRNTFRHSVVVPYEPPEVGSDCTTIHYNYMCNSSCMGGMNRR
PILTIITLEDSSGNLLGRNSFEVRVCACPGRDRRTEEENLRKKG
;
A
2 'polydeoxyribonucleotide' (DG)(DG)(DA)(DC)(DA)(DT)(DG)(DT)(DC)(DC) B
#
loop_
_chem_comp.id
_chem_comp.type
_chem_comp.name
_chem_comp.formula
DA DNA linking 2'-DEOXYADENOSINE-5'-MONOPHOSPHATE 'C10 H14 N5 O6 P'
DC DNA linking 2'-DEOXYCYTIDINE-5'-MONOPHOSPHATE 'C9 H14 N3 O7 P'
DG DNA linking 2'-DEOXYGUANOSINE-5'-MONOPHOSPHATE 'C10 H14 N5 O7 P'
DT DNA linking THYMIDINE-5'-MONOPHOSPHATE 'C10 H15 N2 O8 P'
ZN non-polymer 'ZINC ION' 'Zn 2'
#
# COMPACT_ATOMS: atom_id res chain seq x y z
N SER A 1 9.37 7.94 -21.79
CA SER A 1 9.06 7.98 -20.35
C SER A 1 8.65 6.58 -19.84
N SER A 2 9.12 6.25 -18.64
CA SER A 2 8.85 4.93 -18.07
C SER A 2 7.37 4.70 -17.75
N SER A 3 6.89 3.50 -18.00
CA SER A 3 5.54 3.10 -17.60
C SER A 3 5.52 2.54 -16.16
N VAL A 4 6.68 2.55 -15.51
CA VAL A 4 6.82 2.12 -14.13
C VAL A 4 7.09 3.31 -13.20
N PRO A 5 6.17 3.55 -12.25
CA PRO A 5 6.31 4.65 -11.30
C PRO A 5 7.59 4.50 -10.47
N SER A 6 8.24 5.61 -10.15
CA SER A 6 9.41 5.59 -9.28
C SER A 6 9.01 5.06 -7.91
N GLN A 7 9.89 4.28 -7.30
CA GLN A 7 9.68 3.87 -5.91
C GLN A 7 10.65 4.62 -5.01
N LYS A 8 11.36 5.60 -5.58
CA LYS A 8 12.41 6.31 -4.87
C LYS A 8 11.89 7.17 -3.73
N THR A 9 12.36 6.87 -2.53
CA THR A 9 11.95 7.59 -1.34
C THR A 9 12.28 9.07 -1.47
N TYR A 10 11.33 9.91 -1.10
CA TYR A 10 11.51 11.35 -1.19
C TYR A 10 10.82 11.96 0.01
N GLN A 11 11.60 12.22 1.06
CA GLN A 11 11.04 12.80 2.28
C GLN A 11 10.53 14.21 2.01
N GLY A 12 11.20 14.94 1.12
CA GLY A 12 10.73 16.25 0.69
C GLY A 12 10.75 17.36 1.72
N SER A 13 10.24 18.53 1.34
CA SER A 13 10.31 19.71 2.20
C SER A 13 9.38 19.65 3.40
N TYR A 14 8.41 18.73 3.36
CA TYR A 14 7.43 18.63 4.43
C TYR A 14 7.75 17.52 5.44
N GLY A 15 8.86 16.83 5.23
CA GLY A 15 9.29 15.78 6.15
C GLY A 15 8.35 14.60 6.20
N PHE A 16 7.96 14.11 5.03
CA PHE A 16 6.98 13.04 4.89
C PHE A 16 7.59 11.69 5.20
N ARG A 17 7.00 10.97 6.15
CA ARG A 17 7.34 9.55 6.31
C ARG A 17 6.13 8.76 6.78
N LEU A 18 6.24 7.44 6.66
CA LEU A 18 5.15 6.54 7.03
C LEU A 18 5.39 5.96 8.42
N GLY A 19 4.30 5.54 9.06
CA GLY A 19 4.40 4.91 10.37
C GLY A 19 3.50 3.70 10.35
N PHE A 20 3.81 2.69 11.16
CA PHE A 20 2.99 1.48 11.17
C PHE A 20 2.75 1.04 12.60
N LEU A 21 1.62 0.40 12.85
CA LEU A 21 1.27 -0.01 14.20
C LEU A 21 2.15 -1.13 14.73
N HIS A 22 2.16 -1.27 16.05
CA HIS A 22 2.99 -2.24 16.72
C HIS A 22 2.13 -3.46 17.06
N SER A 23 2.57 -4.70 16.79
CA SER A 23 3.70 -5.10 15.96
C SER A 23 3.59 -6.61 15.94
N GLY A 24 4.46 -7.23 16.74
CA GLY A 24 4.33 -8.63 17.05
C GLY A 24 5.64 -9.41 17.16
N THR A 25 5.56 -10.66 16.74
CA THR A 25 4.30 -11.14 16.16
C THR A 25 3.47 -12.07 17.05
N ALA A 26 2.83 -11.47 18.06
CA ALA A 26 1.83 -12.17 18.86
C ALA A 26 0.79 -12.79 17.96
OH ALY A 27 -5.39 -9.68 16.31
CH ALY A 27 -4.58 -10.50 16.79
CH3 ALY A 27 -3.39 -10.03 17.59
NZ ALY A 27 -4.74 -11.87 16.63
CE ALY A 27 -3.86 -12.87 17.15
CD ALY A 27 -3.50 -13.94 16.11
CG ALY A 27 -2.75 -15.11 16.73
CB ALY A 27 -1.55 -14.63 17.50
CA ALY A 27 -0.10 -14.87 16.99
N ALY A 27 0.87 -14.11 17.77
C ALY A 27 0.11 -14.57 15.50
O ALY A 27 0.86 -13.65 15.13
N SER A 28 -0.51 -15.38 14.63
N SER A 28 -0.55 -15.32 14.63
CA SER A 28 -0.59 -15.04 13.22
CA SER A 28 -0.45 -15.07 13.19
C SER A 28 -1.71 -14.04 12.99
C SER A 28 -0.85 -13.63 12.82
N VAL A 29 -1.56 -12.95 13.72
CA VAL A 29 -2.17 -11.61 13.53
C VAL A 29 -2.74 -11.22 12.14
N THR A 30 -3.60 -10.21 12.09
CA THR A 30 -4.19 -9.83 10.81
C THR A 30 -3.27 -8.92 9.98
N CYS A 31 -2.42 -8.16 10.66
CA CYS A 31 -1.53 -7.20 10.01
C CYS A 31 -0.33 -6.92 10.91
N THR A 32 0.89 -7.08 10.36
CA THR A 32 2.11 -6.79 11.12
C THR A 32 3.19 -6.18 10.23
N TYR A 33 4.07 -5.37 10.82
CA TYR A 33 5.08 -4.68 10.02
C TYR A 33 6.48 -5.00 10.48
N SER A 34 7.37 -5.30 9.52
CA SER A 34 8.77 -5.57 9.84
C SER A 34 9.65 -4.39 9.43
N PRO A 35 10.19 -3.66 10.42
CA PRO A 35 11.14 -2.58 10.12
C PRO A 35 12.37 -3.06 9.36
N ALA A 36 12.95 -4.20 9.77
CA ALA A 36 14.15 -4.70 9.09
C ALA A 36 13.93 -4.95 7.61
N LEU A 37 12.76 -5.46 7.26
CA LEU A 37 12.47 -5.79 5.86
C LEU A 37 11.74 -4.66 5.12
N ASN A 38 11.34 -3.63 5.86
CA ASN A 38 10.45 -2.59 5.34
C ASN A 38 9.22 -3.24 4.70
N LYS A 39 8.61 -4.18 5.43
CA LYS A 39 7.58 -5.03 4.83
C LYS A 39 6.36 -5.23 5.70
N MET A 40 5.20 -4.93 5.14
CA MET A 40 3.93 -5.23 5.77
C MET A 40 3.49 -6.65 5.41
N PHE A 41 3.08 -7.40 6.43
CA PHE A 41 2.49 -8.73 6.25
C PHE A 41 1.03 -8.59 6.72
N CYS A 42 0.06 -8.97 5.89
CA CYS A 42 -1.34 -8.77 6.26
C CYS A 42 -2.21 -9.82 5.64
N GLN A 43 -3.48 -9.84 6.03
CA GLN A 43 -4.40 -10.82 5.48
C GLN A 43 -5.31 -10.20 4.42
N LEU A 44 -5.77 -11.05 3.52
CA LEU A 44 -6.73 -10.71 2.48
C LEU A 44 -7.92 -9.89 2.99
N ALA A 45 -8.08 -8.69 2.43
CA ALA A 45 -9.21 -7.78 2.71
C ALA A 45 -9.30 -7.23 4.13
N LYS A 46 -8.31 -7.50 4.97
CA LYS A 46 -8.28 -6.98 6.34
C LYS A 46 -7.67 -5.59 6.42
N THR A 47 -8.05 -4.85 7.45
CA THR A 47 -7.58 -3.47 7.62
C THR A 47 -6.08 -3.38 7.86
N CYS A 48 -5.41 -2.53 7.08
CA CYS A 48 -3.99 -2.26 7.27
C CYS A 48 -3.81 -0.79 7.55
N PRO A 49 -3.66 -0.42 8.82
CA PRO A 49 -3.51 1.00 9.14
C PRO A 49 -2.11 1.49 8.77
N VAL A 50 -2.05 2.56 7.97
CA VAL A 50 -0.79 3.19 7.60
C VAL A 50 -0.83 4.64 8.09
N GLN A 51 0.19 5.08 8.82
CA GLN A 51 0.21 6.45 9.34
C GLN A 51 1.01 7.39 8.46
N LEU A 52 0.48 8.59 8.24
CA LEU A 52 1.23 9.60 7.51
C LEU A 52 1.80 10.61 8.50
N TRP A 53 3.12 10.77 8.48
CA TRP A 53 3.77 11.75 9.35
C TRP A 53 4.38 12.86 8.52
N VAL A 54 4.18 14.11 8.95
CA VAL A 54 4.83 15.27 8.32
C VAL A 54 5.34 16.26 9.38
N ASP A 55 6.42 16.97 9.05
CA ASP A 55 6.97 17.99 9.96
C ASP A 55 6.34 19.35 9.66
N SER A 56 6.17 19.65 8.38
CA SER A 56 5.49 20.88 7.95
C SER A 56 4.16 20.52 7.32
N THR A 57 3.14 21.35 7.54
CA THR A 57 1.79 21.06 7.07
C THR A 57 1.66 21.25 5.57
N PRO A 58 1.19 20.20 4.85
CA PRO A 58 1.02 20.34 3.39
C PRO A 58 -0.07 21.37 3.10
N PRO A 59 -0.03 22.01 1.92
CA PRO A 59 -1.05 23.01 1.61
C PRO A 59 -2.42 22.37 1.38
N PRO A 60 -3.50 23.18 1.41
CA PRO A 60 -4.85 22.67 1.13
C PRO A 60 -4.93 22.00 -0.24
N GLY A 61 -5.74 20.94 -0.35
CA GLY A 61 -5.91 20.27 -1.62
C GLY A 61 -4.86 19.22 -1.88
N THR A 62 -4.02 18.97 -0.89
CA THR A 62 -3.00 17.93 -1.03
C THR A 62 -3.71 16.58 -1.03
N ARG A 63 -3.18 15.62 -1.78
CA ARG A 63 -3.80 14.30 -1.88
C ARG A 63 -2.82 13.20 -1.53
N VAL A 64 -3.35 12.04 -1.19
CA VAL A 64 -2.53 10.89 -0.86
C VAL A 64 -2.85 9.74 -1.80
N ARG A 65 -1.88 9.29 -2.59
CA ARG A 65 -2.10 8.22 -3.56
C ARG A 65 -1.37 6.96 -3.13
N ALA A 66 -2.00 5.81 -3.28
CA ALA A 66 -1.34 4.54 -3.08
C ALA A 66 -1.41 3.77 -4.40
N MET A 67 -0.32 3.10 -4.75
CA MET A 67 -0.26 2.30 -5.97
C MET A 67 0.67 1.14 -5.71
N ALA A 68 0.39 -0.01 -6.30
CA ALA A 68 1.25 -1.17 -6.16
C ALA A 68 2.04 -1.40 -7.44
N ILE A 69 3.28 -1.85 -7.29
CA ILE A 69 4.06 -2.35 -8.41
C ILE A 69 4.72 -3.64 -7.95
N TYR A 70 5.08 -4.51 -8.87
CA TYR A 70 5.91 -5.66 -8.52
C TYR A 70 7.29 -5.20 -8.12
N LYS A 71 7.83 -5.81 -7.07
CA LYS A 71 9.10 -5.40 -6.50
C LYS A 71 10.29 -5.85 -7.35
N GLN A 72 10.19 -7.03 -7.93
CA GLN A 72 11.30 -7.61 -8.68
C GLN A 72 11.43 -6.95 -10.05
N SER A 73 12.66 -6.76 -10.51
CA SER A 73 12.91 -6.14 -11.81
C SER A 73 12.21 -6.91 -12.92
N GLN A 74 12.24 -8.24 -12.80
CA GLN A 74 11.62 -9.16 -13.78
C GLN A 74 10.11 -8.96 -13.94
N HIS A 75 9.48 -8.33 -12.96
CA HIS A 75 8.02 -8.22 -12.99
C HIS A 75 7.52 -6.78 -12.94
N MET A 76 8.44 -5.84 -12.77
CA MET A 76 8.09 -4.42 -12.61
C MET A 76 7.17 -3.86 -13.67
N THR A 77 7.37 -4.28 -14.91
CA THR A 77 6.60 -3.70 -16.02
C THR A 77 5.16 -4.16 -16.06
N GLU A 78 4.85 -5.26 -15.38
CA GLU A 78 3.49 -5.81 -15.38
C GLU A 78 2.59 -5.09 -14.38
N VAL A 79 1.39 -4.70 -14.83
CA VAL A 79 0.42 -4.02 -13.99
C VAL A 79 -0.07 -4.94 -12.88
N VAL A 80 -0.07 -4.45 -11.64
CA VAL A 80 -0.57 -5.23 -10.51
C VAL A 80 -2.09 -5.17 -10.48
N ARG A 81 -2.74 -6.32 -10.53
CA ARG A 81 -4.20 -6.41 -10.63
C ARG A 81 -4.69 -7.52 -9.75
N ARG A 82 -5.97 -7.49 -9.43
CA ARG A 82 -6.61 -8.63 -8.77
C ARG A 82 -6.70 -9.83 -9.73
N CYS A 83 -6.67 -11.03 -9.17
CA CYS A 83 -6.78 -12.25 -9.98
C CYS A 83 -8.21 -12.39 -10.49
N PRO A 84 -8.43 -13.23 -11.52
CA PRO A 84 -9.77 -13.43 -12.10
C PRO A 84 -10.81 -13.92 -11.10
N HIS A 85 -10.40 -14.75 -10.16
CA HIS A 85 -11.33 -15.28 -9.17
C HIS A 85 -11.86 -14.19 -8.27
N HIS A 86 -10.95 -13.43 -7.66
CA HIS A 86 -11.38 -12.39 -6.74
C HIS A 86 -12.05 -11.23 -7.46
N GLU A 87 -11.66 -11.00 -8.71
CA GLU A 87 -12.28 -9.94 -9.50
C GLU A 87 -13.78 -10.20 -9.66
N ARG A 88 -14.15 -11.45 -9.88
CA ARG A 88 -15.55 -11.81 -10.13
C ARG A 88 -16.35 -12.14 -8.86
N CYS A 89 -15.75 -11.96 -7.68
CA CYS A 89 -16.46 -12.43 -6.49
CA CYS A 89 -16.35 -12.35 -6.40
C CYS A 89 -17.46 -11.42 -5.89
N SER A 90 -17.72 -10.34 -6.59
CA SER A 90 -18.73 -9.36 -6.17
C SER A 90 -18.57 -8.87 -4.73
N ASP A 91 -17.33 -8.64 -4.31
CA ASP A 91 -17.10 -8.14 -2.95
C ASP A 91 -16.90 -6.63 -2.96
N SER A 92 -17.32 -5.97 -4.03
CA SER A 92 -17.15 -4.52 -4.14
C SER A 92 -17.95 -3.80 -3.06
N ASP A 93 -17.43 -2.65 -2.63
CA ASP A 93 -18.07 -1.87 -1.59
C ASP A 93 -18.94 -0.77 -2.18
N GLY A 94 -19.09 -0.78 -3.51
CA GLY A 94 -19.87 0.24 -4.18
C GLY A 94 -19.02 1.30 -4.86
N LEU A 95 -17.75 1.38 -4.49
CA LEU A 95 -16.86 2.43 -4.98
C LEU A 95 -15.67 1.83 -5.76
N ALA A 96 -14.96 0.91 -5.12
CA ALA A 96 -13.82 0.26 -5.75
C ALA A 96 -14.21 -0.61 -6.92
N PRO A 97 -13.56 -0.40 -8.07
CA PRO A 97 -13.70 -1.30 -9.22
C PRO A 97 -13.18 -2.67 -8.84
N PRO A 98 -13.83 -3.74 -9.28
CA PRO A 98 -13.48 -5.08 -8.79
C PRO A 98 -12.08 -5.53 -9.18
N GLN A 99 -11.45 -4.88 -10.16
CA GLN A 99 -10.08 -5.22 -10.56
C GLN A 99 -8.98 -4.66 -9.64
N HIS A 100 -9.28 -3.59 -8.91
CA HIS A 100 -8.29 -2.91 -8.07
C HIS A 100 -7.83 -3.73 -6.86
N LEU A 101 -6.52 -3.91 -6.71
CA LEU A 101 -5.98 -4.61 -5.55
C LEU A 101 -6.14 -3.81 -4.25
N ILE A 102 -5.76 -2.53 -4.30
CA ILE A 102 -5.72 -1.70 -3.09
C ILE A 102 -6.98 -0.85 -2.93
N ARG A 103 -7.65 -1.03 -1.79
CA ARG A 103 -8.81 -0.20 -1.45
C ARG A 103 -8.51 0.68 -0.25
N VAL A 104 -9.25 1.79 -0.15
CA VAL A 104 -9.28 2.54 1.11
C VAL A 104 -10.69 2.46 1.66
N GLU A 105 -10.82 2.05 2.91
CA GLU A 105 -12.11 1.98 3.57
C GLU A 105 -12.30 3.20 4.46
N GLY A 106 -13.55 3.58 4.68
CA GLY A 106 -13.84 4.62 5.66
C GLY A 106 -13.47 6.02 5.22
N ASN A 107 -13.59 6.30 3.93
CA ASN A 107 -13.29 7.62 3.43
C ASN A 107 -14.30 8.02 2.38
N LEU A 108 -14.99 9.13 2.62
CA LEU A 108 -16.11 9.56 1.79
C LEU A 108 -15.63 10.24 0.50
N ARG A 109 -14.33 10.50 0.40
CA ARG A 109 -13.80 11.18 -0.78
C ARG A 109 -12.74 10.35 -1.49
N VAL A 110 -12.83 9.03 -1.37
CA VAL A 110 -11.89 8.16 -2.07
C VAL A 110 -12.14 8.20 -3.58
N GLU A 111 -11.06 8.19 -4.37
CA GLU A 111 -11.16 8.08 -5.81
C GLU A 111 -10.31 6.92 -6.27
N TYR A 112 -10.87 6.09 -7.14
CA TYR A 112 -10.13 5.01 -7.78
C TYR A 112 -9.80 5.43 -9.20
N LEU A 113 -8.52 5.35 -9.55
CA LEU A 113 -8.07 5.85 -10.84
C LEU A 113 -7.36 4.78 -11.63
N ASP A 114 -7.49 4.85 -12.94
N ASP A 114 -7.52 4.85 -12.94
CA ASP A 114 -6.73 3.98 -13.83
CA ASP A 114 -6.80 3.99 -13.90
C ASP A 114 -6.00 4.83 -14.88
C ASP A 114 -5.99 4.93 -14.82
N ASP A 115 -4.68 4.76 -14.87
CA ASP A 115 -3.85 5.61 -15.73
C ASP A 115 -4.12 5.33 -17.21
N ARG A 116 -4.44 6.38 -17.98
CA ARG A 116 -4.82 6.18 -19.38
C ARG A 116 -3.68 5.62 -20.24
N ASN A 117 -2.44 5.88 -19.83
CA ASN A 117 -1.25 5.42 -20.55
C ASN A 117 -0.64 4.12 -20.04
N THR A 118 -0.55 3.96 -18.72
CA THR A 118 0.08 2.77 -18.14
C THR A 118 -0.92 1.69 -17.73
N PHE A 119 -2.19 2.06 -17.65
CA PHE A 119 -3.26 1.18 -17.18
C PHE A 119 -3.14 0.76 -15.72
N ARG A 120 -2.24 1.40 -14.98
CA ARG A 120 -2.05 1.05 -13.56
C ARG A 120 -3.13 1.67 -12.70
N HIS A 121 -3.50 0.95 -11.64
CA HIS A 121 -4.54 1.38 -10.72
C HIS A 121 -3.94 2.16 -9.58
N SER A 122 -4.73 3.10 -9.06
CA SER A 122 -4.34 3.72 -7.81
C SER A 122 -5.58 4.19 -7.08
N VAL A 123 -5.40 4.45 -5.80
CA VAL A 123 -6.50 4.94 -5.00
C VAL A 123 -6.02 6.18 -4.26
N VAL A 124 -6.85 7.21 -4.28
CA VAL A 124 -6.47 8.52 -3.74
C VAL A 124 -7.48 8.97 -2.70
N VAL A 125 -6.99 9.59 -1.62
CA VAL A 125 -7.85 10.31 -0.68
C VAL A 125 -7.27 11.70 -0.40
N PRO A 126 -8.10 12.64 0.08
CA PRO A 126 -7.55 13.93 0.50
C PRO A 126 -6.57 13.75 1.65
N TYR A 127 -5.46 14.49 1.64
CA TYR A 127 -4.65 14.55 2.84
C TYR A 127 -5.33 15.43 3.87
N GLU A 128 -5.34 14.98 5.13
CA GLU A 128 -5.82 15.81 6.22
C GLU A 128 -4.83 15.82 7.38
N PRO A 129 -4.60 17.00 7.96
CA PRO A 129 -3.62 17.09 9.04
C PRO A 129 -4.13 16.38 10.28
N PRO A 130 -3.22 15.99 11.17
CA PRO A 130 -3.64 15.37 12.43
C PRO A 130 -4.52 16.32 13.24
N GLU A 131 -5.41 15.77 14.05
CA GLU A 131 -6.16 16.57 15.01
C GLU A 131 -5.17 17.15 16.02
N VAL A 132 -5.55 18.19 16.75
CA VAL A 132 -4.66 18.72 17.76
C VAL A 132 -4.42 17.65 18.82
N GLY A 133 -3.17 17.50 19.24
CA GLY A 133 -2.80 16.46 20.18
C GLY A 133 -2.32 15.19 19.52
N SER A 134 -2.55 15.07 18.21
CA SER A 134 -2.09 13.91 17.45
C SER A 134 -0.90 14.27 16.56
N ASP A 135 0.01 13.32 16.40
CA ASP A 135 1.23 13.53 15.62
C ASP A 135 1.12 13.00 14.19
N CYS A 136 0.03 12.30 13.88
CA CYS A 136 -0.13 11.73 12.53
C CYS A 136 -1.58 11.50 12.07
N THR A 137 -1.71 11.21 10.77
CA THR A 137 -2.98 10.86 10.15
C THR A 137 -2.91 9.39 9.73
N THR A 138 -4.01 8.65 9.92
CA THR A 138 -4.02 7.21 9.63
C THR A 138 -5.01 6.89 8.50
N ILE A 139 -4.54 6.14 7.51
CA ILE A 139 -5.42 5.66 6.44
C ILE A 139 -5.53 4.14 6.58
N HIS A 140 -6.74 3.62 6.38
CA HIS A 140 -6.94 2.18 6.40
C HIS A 140 -6.97 1.65 4.97
N TYR A 141 -5.93 0.90 4.62
CA TYR A 141 -5.86 0.26 3.31
C TYR A 141 -6.35 -1.19 3.37
N ASN A 142 -6.91 -1.70 2.27
CA ASN A 142 -7.16 -3.14 2.16
C ASN A 142 -6.53 -3.71 0.90
N TYR A 143 -5.93 -4.89 1.01
CA TYR A 143 -5.38 -5.60 -0.12
C TYR A 143 -6.30 -6.77 -0.47
N MET A 144 -6.86 -6.74 -1.67
CA MET A 144 -7.99 -7.60 -2.01
C MET A 144 -7.63 -8.93 -2.69
N CYS A 145 -6.35 -9.25 -2.71
CA CYS A 145 -5.87 -10.60 -3.11
C CYS A 145 -4.73 -11.01 -2.20
N ASN A 146 -4.49 -12.32 -2.08
CA ASN A 146 -3.25 -12.80 -1.46
C ASN A 146 -2.08 -12.67 -2.45
N SER A 147 -0.87 -12.49 -1.94
CA SER A 147 0.30 -12.48 -2.80
C SER A 147 0.38 -13.74 -3.70
N SER A 148 -0.18 -14.84 -3.20
CA SER A 148 -0.10 -16.12 -3.88
C SER A 148 -1.16 -16.33 -4.95
N CYS A 149 -2.09 -15.39 -5.11
CA CYS A 149 -3.27 -15.61 -5.97
C CYS A 149 -2.90 -15.99 -7.40
N MET A 150 -3.35 -17.17 -7.81
CA MET A 150 -3.09 -17.66 -9.17
C MET A 150 -3.75 -16.75 -10.18
N GLY A 151 -2.99 -16.32 -11.19
CA GLY A 151 -3.51 -15.46 -12.23
C GLY A 151 -3.52 -13.99 -11.82
N GLY A 152 -3.07 -13.73 -10.59
CA GLY A 152 -2.90 -12.37 -10.12
C GLY A 152 -1.45 -12.19 -9.73
N MET A 153 -1.17 -11.84 -8.47
CA MET A 153 0.20 -11.56 -8.07
C MET A 153 1.08 -12.81 -8.17
N ASN A 154 0.45 -13.97 -8.09
CA ASN A 154 1.15 -15.24 -8.35
C ASN A 154 2.46 -15.44 -7.59
N ARG A 155 2.43 -15.15 -6.30
CA ARG A 155 3.56 -15.34 -5.37
C ARG A 155 4.67 -14.30 -5.50
N ARG A 156 4.47 -13.34 -6.39
CA ARG A 156 5.45 -12.26 -6.56
C ARG A 156 5.24 -11.13 -5.54
N PRO A 157 6.33 -10.69 -4.88
CA PRO A 157 6.21 -9.57 -3.93
C PRO A 157 5.89 -8.25 -4.64
N ILE A 158 5.14 -7.38 -3.96
CA ILE A 158 4.82 -6.07 -4.49
C ILE A 158 5.33 -4.99 -3.56
N LEU A 159 5.47 -3.77 -4.06
CA LEU A 159 5.66 -2.63 -3.17
C LEU A 159 4.40 -1.79 -3.24
N THR A 160 4.00 -1.19 -2.12
CA THR A 160 2.99 -0.11 -2.17
C THR A 160 3.77 1.20 -2.13
N ILE A 161 3.50 2.06 -3.11
CA ILE A 161 4.10 3.38 -3.17
C ILE A 161 3.06 4.40 -2.74
N ILE A 162 3.37 5.13 -1.67
CA ILE A 162 2.49 6.20 -1.18
C ILE A 162 3.08 7.55 -1.59
N THR A 163 2.34 8.33 -2.37
CA THR A 163 2.81 9.66 -2.75
C THR A 163 1.92 10.73 -2.14
N LEU A 164 2.57 11.79 -1.62
CA LEU A 164 1.89 12.99 -1.16
C LEU A 164 1.99 14.00 -2.30
N GLU A 165 0.84 14.43 -2.81
CA GLU A 165 0.81 15.24 -4.02
C GLU A 165 -0.02 16.49 -3.78
N ASP A 166 0.43 17.65 -4.24
CA ASP A 166 -0.40 18.84 -4.07
C ASP A 166 -1.52 18.84 -5.11
N SER A 167 -2.43 19.79 -5.01
CA SER A 167 -3.51 19.94 -5.99
C SER A 167 -3.02 19.89 -7.42
N SER A 168 -1.93 20.61 -7.68
CA SER A 168 -1.41 20.77 -9.02
C SER A 168 -0.76 19.51 -9.57
N GLY A 169 -0.47 18.56 -8.68
CA GLY A 169 0.14 17.32 -9.11
C GLY A 169 1.62 17.28 -8.79
N ASN A 170 2.13 18.31 -8.10
CA ASN A 170 3.55 18.28 -7.72
C ASN A 170 3.75 17.16 -6.72
N LEU A 171 4.84 16.41 -6.86
CA LEU A 171 5.18 15.43 -5.85
C LEU A 171 5.76 16.14 -4.62
N LEU A 172 5.10 16.00 -3.48
CA LEU A 172 5.58 16.64 -2.26
C LEU A 172 6.42 15.66 -1.47
N GLY A 173 6.06 14.39 -1.57
CA GLY A 173 6.73 13.36 -0.79
C GLY A 173 6.42 11.98 -1.33
N ARG A 174 7.33 11.05 -1.11
CA ARG A 174 7.09 9.68 -1.53
C ARG A 174 7.75 8.70 -0.59
N ASN A 175 6.99 7.66 -0.22
CA ASN A 175 7.52 6.53 0.52
C ASN A 175 6.95 5.23 -0.03
N SER A 176 7.57 4.11 0.33
CA SER A 176 7.05 2.84 -0.18
C SER A 176 7.43 1.74 0.80
N PHE A 177 6.74 0.61 0.71
CA PHE A 177 7.01 -0.54 1.57
C PHE A 177 6.61 -1.81 0.87
N GLU A 178 7.32 -2.89 1.15
CA GLU A 178 6.97 -4.17 0.55
C GLU A 178 5.72 -4.70 1.23
N VAL A 179 4.90 -5.46 0.50
CA VAL A 179 3.71 -6.10 1.08
C VAL A 179 3.72 -7.59 0.78
N ARG A 180 3.39 -8.40 1.77
CA ARG A 180 2.99 -9.79 1.55
C ARG A 180 1.58 -9.96 2.12
N VAL A 181 0.62 -10.26 1.25
CA VAL A 181 -0.71 -10.61 1.73
C VAL A 181 -0.77 -12.12 1.78
N CYS A 182 -1.01 -12.66 2.97
CA CYS A 182 -0.91 -14.10 3.21
C CYS A 182 -1.84 -14.59 4.33
N ALA A 183 -1.94 -15.90 4.48
CA ALA A 183 -2.87 -16.46 5.45
C ALA A 183 -2.33 -16.26 6.86
N CYS A 184 -1.01 -16.32 7.01
CA CYS A 184 -0.37 -16.27 8.33
C CYS A 184 0.72 -15.21 8.39
N PRO A 185 0.33 -13.94 8.56
CA PRO A 185 1.31 -12.84 8.59
C PRO A 185 2.36 -13.00 9.71
N GLY A 186 1.93 -13.42 10.90
CA GLY A 186 2.86 -13.60 12.00
C GLY A 186 3.91 -14.66 11.71
N ARG A 187 3.46 -15.83 11.25
CA ARG A 187 4.38 -16.90 10.89
C ARG A 187 5.36 -16.47 9.79
N ASP A 188 4.83 -15.84 8.75
CA ASP A 188 5.67 -15.53 7.61
C ASP A 188 6.67 -14.42 7.92
N ARG A 189 6.29 -13.46 8.77
CA ARG A 189 7.23 -12.41 9.16
C ARG A 189 8.39 -13.03 9.91
N ARG A 190 8.08 -13.93 10.86
CA ARG A 190 9.11 -14.63 11.60
C ARG A 190 10.06 -15.39 10.69
N THR A 191 9.50 -16.13 9.75
CA THR A 191 10.29 -16.91 8.81
C THR A 191 11.21 -16.02 7.99
N GLU A 192 10.67 -14.93 7.45
CA GLU A 192 11.47 -14.06 6.60
C GLU A 192 12.59 -13.31 7.34
N GLU A 193 12.32 -12.83 8.54
CA GLU A 193 13.35 -12.12 9.31
C GLU A 193 14.45 -13.07 9.76
N GLU A 194 14.09 -14.32 10.02
CA GLU A 194 15.10 -15.30 10.39
C GLU A 194 15.95 -15.70 9.18
N ASN A 195 15.31 -15.86 8.01
CA ASN A 195 16.09 -16.10 6.80
C ASN A 195 16.99 -14.91 6.43
N LEU A 196 16.54 -13.69 6.71
CA LEU A 196 17.37 -12.51 6.51
C LEU A 196 18.65 -12.62 7.34
N ARG A 197 18.50 -12.87 8.63
CA ARG A 197 19.65 -13.01 9.52
C ARG A 197 20.61 -14.10 9.04
N LYS A 198 20.07 -15.31 8.83
CA LYS A 198 20.90 -16.48 8.50
C LYS A 198 21.49 -16.47 7.10
N LYS A 199 20.75 -15.93 6.13
CA LYS A 199 21.12 -16.12 4.72
C LYS A 199 21.25 -14.82 3.94
N GLY A 200 20.77 -13.72 4.52
CA GLY A 200 20.78 -12.44 3.82
C GLY A 200 22.15 -11.81 3.64
ZN ZN C . -7.04 -13.08 -5.77
#